data_5LM9
#
_entry.id   5LM9
#
_cell.length_a   74.688
_cell.length_b   147.182
_cell.length_c   52.387
_cell.angle_alpha   90.00
_cell.angle_beta   112.56
_cell.angle_gamma   90.00
#
_symmetry.space_group_name_H-M   'C 1 2 1'
#
loop_
_entity.id
_entity.type
_entity.pdbx_description
1 polymer 'Transcription termination/antitermination protein NusA'
2 non-polymer 'SULFATE ION'
3 non-polymer 'MAGNESIUM ION'
4 water water
#
_entity_poly.entity_id   1
_entity_poly.type   'polypeptide(L)'
_entity_poly.pdbx_seq_one_letter_code
;GAMTFDRITTQTAKQVIVQKVREAERAMVVDQFREHEGEIITGVVKKVNRDNISLDLGNNAEAVILREDMLPRENFRPGD
RVRGVLYSVRPEARGAQLFVTRSKPEMLIELFRIEVPEIGEEVIEIKAAARDPGSRAKIAVKTNDKRIDPVGACVGMRGA
RVQAVSTELGGERIDIVLWDDNPAQFVINAMAPADVASIVVDEDKHTMDIAVEAGNLAQAIGRNGQNVRLASQLSGWELN
VMTVDDLQAKHQAEAHAAIDTFTKYLDIDEDFATVLVEEGFSTLEELAYVPMKELLEIEGLDEPTVEALRERAKNALATI
AQAQEESLG
;
_entity_poly.pdbx_strand_id   A
#
# COMPACT_ATOMS: atom_id res chain seq x y z
N PHE A 5 -11.19 -16.87 -48.59
CA PHE A 5 -10.57 -18.16 -48.33
C PHE A 5 -9.26 -18.01 -47.58
N ASP A 6 -9.08 -18.82 -46.53
CA ASP A 6 -7.83 -18.81 -45.78
C ASP A 6 -6.67 -19.21 -46.67
N ARG A 7 -5.50 -18.63 -46.39
CA ARG A 7 -4.31 -18.93 -47.18
C ARG A 7 -3.73 -20.29 -46.84
N ILE A 8 -3.15 -20.94 -47.84
CA ILE A 8 -2.47 -22.21 -47.64
C ILE A 8 -0.98 -21.95 -47.50
N THR A 9 -0.44 -22.30 -46.35
CA THR A 9 0.97 -22.03 -46.08
C THR A 9 1.87 -23.06 -46.72
N THR A 10 2.93 -22.59 -47.37
CA THR A 10 3.93 -23.46 -47.95
C THR A 10 5.33 -23.07 -47.48
N GLN A 11 6.04 -24.03 -46.89
CA GLN A 11 7.43 -23.84 -46.51
C GLN A 11 8.26 -25.02 -47.00
N THR A 12 9.57 -24.90 -46.90
CA THR A 12 10.46 -26.02 -47.23
C THR A 12 10.77 -26.81 -45.97
N ALA A 13 11.22 -28.05 -46.15
CA ALA A 13 11.55 -28.92 -45.03
C ALA A 13 12.62 -28.29 -44.15
N LYS A 14 13.61 -27.66 -44.78
CA LYS A 14 14.67 -26.96 -44.06
C LYS A 14 14.11 -25.81 -43.23
N GLN A 15 13.27 -24.99 -43.84
CA GLN A 15 12.64 -23.86 -43.15
C GLN A 15 11.92 -24.30 -41.88
N VAL A 16 11.12 -25.35 -41.99
CA VAL A 16 10.33 -25.83 -40.86
C VAL A 16 11.21 -26.35 -39.73
N ILE A 17 12.19 -27.17 -40.08
CA ILE A 17 13.11 -27.71 -39.07
C ILE A 17 13.84 -26.59 -38.34
N VAL A 18 14.35 -25.61 -39.10
CA VAL A 18 15.06 -24.47 -38.50
C VAL A 18 14.13 -23.67 -37.60
N GLN A 19 12.92 -23.40 -38.06
CA GLN A 19 11.97 -22.60 -37.29
C GLN A 19 11.56 -23.26 -35.98
N LYS A 20 11.30 -24.57 -36.01
CA LYS A 20 10.85 -25.28 -34.81
C LYS A 20 11.95 -25.32 -33.76
N VAL A 21 13.20 -25.37 -34.20
CA VAL A 21 14.33 -25.40 -33.29
C VAL A 21 14.58 -24.02 -32.68
N ARG A 22 14.44 -22.97 -33.50
CA ARG A 22 14.58 -21.60 -33.02
C ARG A 22 13.53 -21.29 -31.95
N GLU A 23 12.29 -21.68 -32.22
CA GLU A 23 11.18 -21.39 -31.32
C GLU A 23 11.29 -22.18 -30.01
N ALA A 24 11.70 -23.43 -30.11
CA ALA A 24 11.83 -24.28 -28.93
C ALA A 24 12.92 -23.75 -28.01
N GLU A 25 13.98 -23.23 -28.60
CA GLU A 25 15.10 -22.71 -27.82
C GLU A 25 14.77 -21.33 -27.25
N ARG A 26 14.08 -20.52 -28.04
CA ARG A 26 13.65 -19.20 -27.61
C ARG A 26 12.70 -19.31 -26.41
N ALA A 27 11.80 -20.28 -26.46
CA ALA A 27 10.85 -20.50 -25.38
C ALA A 27 11.57 -20.93 -24.10
N MET A 28 12.66 -21.68 -24.26
CA MET A 28 13.45 -22.12 -23.12
C MET A 28 14.09 -20.94 -22.40
N VAL A 29 14.63 -20.00 -23.18
CA VAL A 29 15.25 -18.81 -22.62
C VAL A 29 14.22 -17.96 -21.89
N VAL A 30 13.08 -17.74 -22.55
CA VAL A 30 11.98 -16.97 -21.97
C VAL A 30 11.52 -17.59 -20.66
N ASP A 31 11.34 -18.92 -20.66
CA ASP A 31 10.89 -19.63 -19.47
C ASP A 31 11.86 -19.49 -18.31
N GLN A 32 13.16 -19.60 -18.60
CA GLN A 32 14.18 -19.50 -17.56
C GLN A 32 14.17 -18.13 -16.89
N PHE A 33 14.03 -17.08 -17.69
CA PHE A 33 13.98 -15.73 -17.15
C PHE A 33 12.69 -15.50 -16.37
N ARG A 34 11.60 -16.13 -16.83
CA ARG A 34 10.33 -16.03 -16.12
C ARG A 34 10.38 -16.75 -14.78
N GLU A 35 11.30 -17.70 -14.65
CA GLU A 35 11.47 -18.40 -13.38
C GLU A 35 12.13 -17.50 -12.33
N HIS A 36 13.04 -16.64 -12.77
CA HIS A 36 13.76 -15.75 -11.87
C HIS A 36 13.06 -14.40 -11.75
N GLU A 37 11.86 -14.30 -12.29
CA GLU A 37 11.10 -13.06 -12.26
C GLU A 37 10.61 -12.76 -10.85
N GLY A 38 10.88 -11.55 -10.37
CA GLY A 38 10.51 -11.17 -9.03
C GLY A 38 11.65 -11.41 -8.05
N GLU A 39 12.77 -11.91 -8.57
CA GLU A 39 13.94 -12.18 -7.74
C GLU A 39 15.05 -11.16 -7.99
N ILE A 40 15.98 -11.10 -7.05
CA ILE A 40 17.18 -10.27 -7.22
C ILE A 40 18.19 -10.97 -8.12
N ILE A 41 18.59 -10.28 -9.18
CA ILE A 41 19.66 -10.76 -10.04
C ILE A 41 20.80 -9.76 -10.05
N THR A 42 22.01 -10.24 -10.32
CA THR A 42 23.18 -9.36 -10.39
C THR A 42 23.62 -9.20 -11.83
N GLY A 43 23.92 -7.96 -12.22
CA GLY A 43 24.36 -7.67 -13.57
C GLY A 43 25.58 -6.77 -13.63
N VAL A 44 26.27 -6.80 -14.76
CA VAL A 44 27.40 -5.92 -14.98
C VAL A 44 27.00 -4.77 -15.91
N VAL A 45 27.32 -3.55 -15.51
CA VAL A 45 26.96 -2.38 -16.30
C VAL A 45 27.76 -2.33 -17.60
N LYS A 46 27.05 -2.27 -18.72
CA LYS A 46 27.69 -2.15 -20.03
C LYS A 46 27.73 -0.69 -20.48
N LYS A 47 26.57 -0.15 -20.81
CA LYS A 47 26.46 1.25 -21.24
C LYS A 47 25.63 2.07 -20.26
N VAL A 48 26.09 3.29 -19.99
CA VAL A 48 25.37 4.20 -19.11
C VAL A 48 24.75 5.34 -19.90
N ASN A 49 23.49 5.18 -20.29
CA ASN A 49 22.79 6.20 -21.04
C ASN A 49 22.25 7.28 -20.11
N ARG A 50 21.56 8.26 -20.67
CA ARG A 50 21.05 9.39 -19.91
C ARG A 50 19.80 9.03 -19.12
N ASP A 51 19.07 8.01 -19.58
CA ASP A 51 17.80 7.65 -18.96
C ASP A 51 17.71 6.18 -18.56
N ASN A 52 18.84 5.47 -18.62
CA ASN A 52 18.91 4.08 -18.20
C ASN A 52 20.33 3.55 -18.21
N ILE A 53 20.49 2.29 -17.81
CA ILE A 53 21.78 1.61 -17.91
C ILE A 53 21.57 0.20 -18.47
N SER A 54 22.61 -0.36 -19.07
CA SER A 54 22.54 -1.70 -19.63
C SER A 54 23.27 -2.69 -18.76
N LEU A 55 22.69 -3.87 -18.57
CA LEU A 55 23.29 -4.89 -17.72
C LEU A 55 23.58 -6.18 -18.48
N ASP A 56 24.72 -6.79 -18.16
CA ASP A 56 25.07 -8.08 -18.72
C ASP A 56 24.80 -9.19 -17.70
N LEU A 57 24.01 -10.19 -18.11
CA LEU A 57 23.69 -11.31 -17.24
C LEU A 57 24.29 -12.62 -17.76
N GLY A 58 25.12 -12.50 -18.79
CA GLY A 58 25.73 -13.66 -19.41
C GLY A 58 24.83 -14.30 -20.45
N ASN A 59 25.44 -14.99 -21.41
CA ASN A 59 24.70 -15.65 -22.50
C ASN A 59 23.83 -14.68 -23.28
N ASN A 60 24.43 -13.57 -23.71
CA ASN A 60 23.74 -12.57 -24.54
C ASN A 60 22.49 -12.00 -23.88
N ALA A 61 22.44 -12.05 -22.55
CA ALA A 61 21.30 -11.51 -21.82
C ALA A 61 21.52 -10.04 -21.48
N GLU A 62 20.65 -9.19 -22.02
CA GLU A 62 20.74 -7.75 -21.76
C GLU A 62 19.57 -7.28 -20.91
N ALA A 63 19.88 -6.72 -19.75
CA ALA A 63 18.86 -6.17 -18.86
C ALA A 63 19.03 -4.67 -18.72
N VAL A 64 17.94 -3.98 -18.39
CA VAL A 64 17.98 -2.54 -18.21
C VAL A 64 17.43 -2.12 -16.85
N ILE A 65 18.10 -1.15 -16.23
CA ILE A 65 17.53 -0.44 -15.09
C ILE A 65 17.16 0.97 -15.55
N LEU A 66 15.88 1.21 -15.71
CA LEU A 66 15.40 2.54 -16.12
C LEU A 66 15.67 3.58 -15.04
N ARG A 67 15.57 4.84 -15.41
CA ARG A 67 15.82 5.95 -14.50
C ARG A 67 14.88 5.89 -13.30
N GLU A 68 13.60 5.67 -13.57
CA GLU A 68 12.58 5.63 -12.52
C GLU A 68 12.64 4.35 -11.70
N ASP A 69 13.59 3.48 -12.03
CA ASP A 69 13.80 2.24 -11.29
C ASP A 69 15.11 2.32 -10.53
N MET A 70 15.76 3.48 -10.59
CA MET A 70 17.00 3.69 -9.84
C MET A 70 16.77 4.48 -8.57
N LEU A 71 17.74 4.43 -7.67
CA LEU A 71 17.75 5.29 -6.49
C LEU A 71 18.19 6.69 -6.90
N PRO A 72 17.59 7.73 -6.29
CA PRO A 72 17.76 9.15 -6.62
C PRO A 72 19.20 9.62 -6.95
N ARG A 73 20.12 9.48 -5.99
CA ARG A 73 21.48 10.00 -6.23
C ARG A 73 22.46 8.91 -6.63
N GLU A 74 21.96 7.86 -7.28
CA GLU A 74 22.81 6.76 -7.70
C GLU A 74 23.49 7.03 -9.02
N ASN A 75 24.80 6.82 -9.05
CA ASN A 75 25.59 6.94 -10.27
C ASN A 75 26.31 5.64 -10.58
N PHE A 76 26.25 5.22 -11.83
CA PHE A 76 26.89 3.97 -12.22
C PHE A 76 27.95 4.18 -13.30
N ARG A 77 29.06 3.48 -13.16
CA ARG A 77 30.14 3.51 -14.13
C ARG A 77 30.16 2.17 -14.86
N PRO A 78 30.38 2.20 -16.19
CA PRO A 78 30.39 0.97 -16.99
C PRO A 78 31.35 -0.09 -16.42
N GLY A 79 30.82 -1.27 -16.12
CA GLY A 79 31.61 -2.34 -15.55
C GLY A 79 31.25 -2.64 -14.11
N ASP A 80 30.43 -1.80 -13.50
CA ASP A 80 30.03 -1.97 -12.10
C ASP A 80 29.09 -3.17 -11.92
N ARG A 81 29.17 -3.78 -10.74
CA ARG A 81 28.24 -4.85 -10.38
C ARG A 81 27.06 -4.27 -9.62
N VAL A 82 25.87 -4.43 -10.18
CA VAL A 82 24.66 -3.94 -9.51
C VAL A 82 23.65 -5.05 -9.32
N ARG A 83 22.92 -4.99 -8.22
CA ARG A 83 21.85 -5.94 -7.94
C ARG A 83 20.50 -5.25 -8.04
N GLY A 84 19.48 -5.99 -8.41
CA GLY A 84 18.14 -5.46 -8.51
C GLY A 84 17.13 -6.54 -8.84
N VAL A 85 15.85 -6.21 -8.73
CA VAL A 85 14.79 -7.18 -8.96
C VAL A 85 14.30 -7.17 -10.40
N LEU A 86 14.37 -8.33 -11.05
CA LEU A 86 13.78 -8.51 -12.37
C LEU A 86 12.26 -8.64 -12.23
N TYR A 87 11.55 -7.54 -12.49
CA TYR A 87 10.12 -7.49 -12.20
C TYR A 87 9.24 -7.63 -13.43
N SER A 88 9.83 -7.50 -14.62
CA SER A 88 9.07 -7.65 -15.84
C SER A 88 9.91 -8.23 -16.97
N VAL A 89 9.40 -9.30 -17.58
CA VAL A 89 10.02 -9.89 -18.74
C VAL A 89 9.03 -9.85 -19.91
N ARG A 90 9.41 -9.16 -20.98
CA ARG A 90 8.54 -9.02 -22.13
C ARG A 90 9.21 -9.62 -23.36
N PRO A 91 8.82 -10.87 -23.69
CA PRO A 91 9.44 -11.67 -24.76
C PRO A 91 9.37 -11.03 -26.14
N GLU A 92 8.27 -10.35 -26.44
CA GLU A 92 8.03 -9.83 -27.79
C GLU A 92 8.46 -8.37 -27.96
N ALA A 93 9.21 -7.85 -27.00
CA ALA A 93 9.63 -6.45 -27.04
C ALA A 93 10.74 -6.20 -28.05
N ARG A 94 10.63 -5.10 -28.80
CA ARG A 94 11.61 -4.74 -29.81
C ARG A 94 12.89 -4.24 -29.15
N GLY A 95 12.75 -3.53 -28.03
CA GLY A 95 13.89 -3.03 -27.29
C GLY A 95 14.30 -4.00 -26.20
N ALA A 96 14.47 -3.48 -24.99
CA ALA A 96 14.83 -4.31 -23.85
C ALA A 96 13.68 -5.26 -23.50
N GLN A 97 14.02 -6.44 -23.02
CA GLN A 97 13.02 -7.45 -22.70
C GLN A 97 13.08 -7.85 -21.22
N LEU A 98 14.15 -7.45 -20.56
CA LEU A 98 14.32 -7.71 -19.13
C LEU A 98 14.44 -6.39 -18.37
N PHE A 99 13.58 -6.19 -17.38
CA PHE A 99 13.55 -4.94 -16.64
C PHE A 99 13.92 -5.13 -15.16
N VAL A 100 14.93 -4.39 -14.72
CA VAL A 100 15.45 -4.50 -13.36
C VAL A 100 15.16 -3.24 -12.56
N THR A 101 14.76 -3.40 -11.30
CA THR A 101 14.44 -2.25 -10.46
C THR A 101 15.22 -2.24 -9.14
N ARG A 102 15.48 -1.04 -8.64
CA ARG A 102 16.12 -0.88 -7.33
C ARG A 102 15.28 0.02 -6.43
N SER A 103 14.23 0.61 -6.99
CA SER A 103 13.44 1.61 -6.29
C SER A 103 12.06 1.11 -5.89
N LYS A 104 11.58 0.09 -6.60
CA LYS A 104 10.26 -0.47 -6.29
C LYS A 104 10.33 -1.23 -4.95
N PRO A 105 9.18 -1.36 -4.27
CA PRO A 105 9.13 -2.01 -2.96
C PRO A 105 9.66 -3.46 -2.97
N GLU A 106 9.54 -4.13 -4.10
CA GLU A 106 9.98 -5.52 -4.22
C GLU A 106 11.47 -5.66 -3.95
N MET A 107 12.24 -4.62 -4.24
CA MET A 107 13.67 -4.62 -3.96
C MET A 107 13.96 -4.70 -2.46
N LEU A 108 13.24 -3.90 -1.68
CA LEU A 108 13.37 -3.91 -0.23
C LEU A 108 13.02 -5.27 0.31
N ILE A 109 11.88 -5.79 -0.15
CA ILE A 109 11.37 -7.08 0.29
C ILE A 109 12.35 -8.23 0.06
N GLU A 110 12.88 -8.30 -1.16
CA GLU A 110 13.79 -9.39 -1.53
C GLU A 110 15.13 -9.29 -0.82
N LEU A 111 15.55 -8.07 -0.50
CA LEU A 111 16.78 -7.88 0.27
C LEU A 111 16.62 -8.44 1.68
N PHE A 112 15.42 -8.32 2.23
CA PHE A 112 15.15 -8.87 3.55
C PHE A 112 15.02 -10.38 3.49
N ARG A 113 14.48 -10.90 2.38
CA ARG A 113 14.39 -12.34 2.19
C ARG A 113 15.78 -12.96 2.24
N ILE A 114 16.74 -12.30 1.60
CA ILE A 114 18.12 -12.75 1.60
C ILE A 114 18.77 -12.58 2.98
N GLU A 115 18.66 -11.38 3.54
CA GLU A 115 19.35 -11.03 4.77
C GLU A 115 18.77 -11.77 5.98
N VAL A 116 17.49 -12.09 5.92
CA VAL A 116 16.83 -12.75 7.04
C VAL A 116 16.42 -14.16 6.65
N PRO A 117 17.19 -15.18 7.12
CA PRO A 117 16.90 -16.58 6.83
C PRO A 117 15.50 -17.00 7.26
N GLU A 118 15.00 -16.39 8.34
CA GLU A 118 13.63 -16.66 8.81
C GLU A 118 12.59 -16.27 7.75
N ILE A 119 12.93 -15.33 6.89
CA ILE A 119 12.04 -14.93 5.80
C ILE A 119 12.17 -15.91 4.63
N GLY A 120 13.39 -16.33 4.34
CA GLY A 120 13.64 -17.32 3.31
C GLY A 120 12.93 -18.63 3.60
N GLU A 121 12.88 -19.00 4.87
CA GLU A 121 12.21 -20.23 5.31
C GLU A 121 10.71 -20.09 5.39
N GLU A 122 10.20 -18.90 5.06
CA GLU A 122 8.78 -18.58 5.12
C GLU A 122 8.20 -18.72 6.54
N VAL A 123 9.08 -18.63 7.53
CA VAL A 123 8.65 -18.61 8.93
C VAL A 123 8.13 -17.22 9.29
N ILE A 124 8.79 -16.19 8.75
CA ILE A 124 8.34 -14.81 8.88
C ILE A 124 7.76 -14.34 7.55
N GLU A 125 6.58 -13.74 7.61
CA GLU A 125 5.93 -13.23 6.41
C GLU A 125 5.96 -11.70 6.34
N ILE A 126 6.28 -11.17 5.17
CA ILE A 126 6.23 -9.74 4.93
C ILE A 126 4.83 -9.37 4.41
N LYS A 127 4.11 -8.56 5.17
CA LYS A 127 2.71 -8.29 4.86
C LYS A 127 2.49 -6.98 4.14
N ALA A 128 3.49 -6.11 4.17
CA ALA A 128 3.39 -4.81 3.50
C ALA A 128 4.75 -4.14 3.44
N ALA A 129 4.95 -3.31 2.42
CA ALA A 129 6.18 -2.56 2.27
C ALA A 129 5.91 -1.24 1.56
N ALA A 130 6.39 -0.15 2.13
CA ALA A 130 6.24 1.18 1.54
C ALA A 130 7.58 1.90 1.51
N ARG A 131 7.89 2.54 0.40
CA ARG A 131 9.20 3.15 0.23
C ARG A 131 9.16 4.61 -0.20
N ASP A 132 10.17 5.35 0.26
CA ASP A 132 10.54 6.64 -0.33
C ASP A 132 12.02 6.51 -0.71
N PRO A 133 12.28 5.93 -1.90
CA PRO A 133 13.59 5.38 -2.31
C PRO A 133 14.77 6.28 -2.00
N GLY A 134 15.78 5.71 -1.34
CA GLY A 134 16.97 6.44 -0.97
C GLY A 134 16.83 7.17 0.37
N SER A 135 15.60 7.42 0.78
CA SER A 135 15.37 8.22 1.98
C SER A 135 14.83 7.39 3.14
N ARG A 136 13.59 6.92 3.03
CA ARG A 136 12.95 6.23 4.14
C ARG A 136 11.98 5.15 3.68
N ALA A 137 11.84 4.11 4.50
CA ALA A 137 10.92 3.02 4.18
C ALA A 137 10.31 2.40 5.43
N LYS A 138 9.13 1.83 5.26
CA LYS A 138 8.50 1.01 6.29
C LYS A 138 8.24 -0.38 5.73
N ILE A 139 8.42 -1.40 6.56
CA ILE A 139 8.09 -2.76 6.19
C ILE A 139 7.38 -3.44 7.36
N ALA A 140 6.27 -4.11 7.06
CA ALA A 140 5.49 -4.81 8.08
C ALA A 140 5.73 -6.31 8.00
N VAL A 141 5.88 -6.94 9.16
CA VAL A 141 6.17 -8.37 9.22
C VAL A 141 5.30 -9.07 10.27
N LYS A 142 5.16 -10.37 10.12
CA LYS A 142 4.44 -11.17 11.10
C LYS A 142 4.95 -12.61 11.08
N THR A 143 4.67 -13.34 12.16
CA THR A 143 5.01 -14.76 12.19
C THR A 143 3.90 -15.55 12.86
N ASN A 144 3.71 -16.79 12.41
CA ASN A 144 2.76 -17.68 13.08
C ASN A 144 3.51 -18.67 13.96
N ASP A 145 4.84 -18.49 14.02
CA ASP A 145 5.69 -19.34 14.84
C ASP A 145 5.87 -18.76 16.24
N LYS A 146 5.47 -19.52 17.25
CA LYS A 146 5.52 -19.08 18.64
C LYS A 146 6.96 -18.90 19.15
N ARG A 147 7.93 -19.42 18.40
CA ARG A 147 9.32 -19.35 18.82
C ARG A 147 10.02 -18.10 18.30
N ILE A 148 9.42 -17.43 17.34
CA ILE A 148 10.12 -16.38 16.61
C ILE A 148 9.71 -14.96 17.00
N ASP A 149 10.70 -14.09 17.14
CA ASP A 149 10.49 -12.66 17.28
C ASP A 149 10.70 -12.00 15.91
N PRO A 150 9.59 -11.70 15.21
CA PRO A 150 9.65 -11.29 13.81
C PRO A 150 10.36 -9.93 13.59
N VAL A 151 10.08 -8.95 14.43
CA VAL A 151 10.77 -7.67 14.35
C VAL A 151 12.25 -7.85 14.66
N GLY A 152 12.54 -8.55 15.75
CA GLY A 152 13.91 -8.80 16.16
C GLY A 152 14.74 -9.53 15.12
N ALA A 153 14.12 -10.49 14.43
CA ALA A 153 14.82 -11.25 13.40
C ALA A 153 15.18 -10.38 12.20
N CYS A 154 14.34 -9.38 11.93
CA CYS A 154 14.59 -8.48 10.80
C CYS A 154 15.60 -7.40 11.14
N VAL A 155 15.58 -6.93 12.38
CA VAL A 155 16.56 -5.96 12.84
C VAL A 155 17.93 -6.61 12.97
N GLY A 156 17.96 -7.75 13.65
CA GLY A 156 19.18 -8.52 13.78
C GLY A 156 20.01 -8.12 14.99
N MET A 157 21.08 -8.88 15.23
CA MET A 157 22.00 -8.59 16.33
C MET A 157 22.63 -7.21 16.16
N ARG A 158 22.29 -6.30 17.08
CA ARG A 158 22.78 -4.92 17.03
C ARG A 158 22.47 -4.25 15.69
N GLY A 159 21.31 -4.58 15.13
CA GLY A 159 20.84 -3.95 13.91
C GLY A 159 21.65 -4.28 12.67
N ALA A 160 22.46 -5.33 12.74
CA ALA A 160 23.36 -5.67 11.65
C ALA A 160 22.61 -6.00 10.36
N ARG A 161 21.50 -6.70 10.50
CA ARG A 161 20.73 -7.13 9.33
C ARG A 161 20.02 -5.97 8.64
N VAL A 162 19.32 -5.16 9.41
CA VAL A 162 18.57 -4.06 8.83
C VAL A 162 19.53 -3.01 8.28
N GLN A 163 20.70 -2.88 8.89
CA GLN A 163 21.72 -1.95 8.41
C GLN A 163 22.29 -2.43 7.08
N ALA A 164 22.42 -3.74 6.95
CA ALA A 164 22.92 -4.33 5.71
C ALA A 164 22.00 -3.99 4.55
N VAL A 165 20.69 -4.13 4.79
CA VAL A 165 19.70 -3.79 3.78
C VAL A 165 19.71 -2.30 3.47
N SER A 166 19.80 -1.49 4.52
CA SER A 166 19.82 -0.03 4.37
C SER A 166 21.03 0.42 3.57
N THR A 167 22.18 -0.16 3.86
CA THR A 167 23.43 0.18 3.17
C THR A 167 23.34 -0.11 1.67
N GLU A 168 22.74 -1.25 1.33
CA GLU A 168 22.55 -1.63 -0.06
C GLU A 168 21.64 -0.63 -0.78
N LEU A 169 20.75 0.01 -0.02
CA LEU A 169 19.83 0.97 -0.59
C LEU A 169 20.30 2.40 -0.31
N GLY A 170 21.61 2.55 -0.18
CA GLY A 170 22.21 3.87 -0.07
C GLY A 170 21.88 4.66 1.18
N GLY A 171 21.65 3.95 2.29
CA GLY A 171 21.38 4.60 3.55
C GLY A 171 19.91 4.90 3.79
N GLU A 172 19.05 4.26 3.00
CA GLU A 172 17.60 4.38 3.17
C GLU A 172 17.19 3.94 4.57
N ARG A 173 16.52 4.82 5.31
CA ARG A 173 16.13 4.56 6.69
C ARG A 173 14.88 3.68 6.78
N ILE A 174 15.04 2.51 7.38
CA ILE A 174 13.97 1.52 7.39
C ILE A 174 13.35 1.30 8.76
N ASP A 175 12.04 1.51 8.85
CA ASP A 175 11.28 1.12 10.04
C ASP A 175 10.69 -0.27 9.85
N ILE A 176 10.99 -1.18 10.77
CA ILE A 176 10.39 -2.49 10.76
C ILE A 176 9.22 -2.49 11.74
N VAL A 177 8.02 -2.66 11.22
CA VAL A 177 6.83 -2.58 12.06
C VAL A 177 6.12 -3.93 12.14
N LEU A 178 5.50 -4.18 13.29
CA LEU A 178 4.78 -5.43 13.51
C LEU A 178 3.40 -5.36 12.87
N TRP A 179 3.07 -6.37 12.08
CA TRP A 179 1.74 -6.46 11.52
C TRP A 179 0.71 -6.70 12.63
N ASP A 180 -0.49 -6.13 12.45
CA ASP A 180 -1.61 -6.43 13.32
C ASP A 180 -2.91 -6.48 12.52
N ASP A 181 -3.82 -7.36 12.93
CA ASP A 181 -5.09 -7.57 12.23
C ASP A 181 -6.08 -6.43 12.48
N ASN A 182 -5.90 -5.72 13.59
CA ASN A 182 -6.69 -4.51 13.84
C ASN A 182 -6.04 -3.32 13.15
N PRO A 183 -6.75 -2.73 12.17
CA PRO A 183 -6.24 -1.60 11.37
C PRO A 183 -5.73 -0.44 12.21
N ALA A 184 -6.49 -0.04 13.23
CA ALA A 184 -6.08 1.05 14.11
C ALA A 184 -4.75 0.72 14.77
N GLN A 185 -4.62 -0.50 15.28
CA GLN A 185 -3.40 -0.94 15.93
C GLN A 185 -2.24 -0.99 14.94
N PHE A 186 -2.52 -1.45 13.72
CA PHE A 186 -1.48 -1.52 12.69
C PHE A 186 -0.99 -0.12 12.33
N VAL A 187 -1.94 0.82 12.23
CA VAL A 187 -1.60 2.20 11.90
C VAL A 187 -0.80 2.85 13.03
N ILE A 188 -1.18 2.57 14.28
CA ILE A 188 -0.40 3.03 15.43
C ILE A 188 1.04 2.54 15.33
N ASN A 189 1.19 1.25 15.04
CA ASN A 189 2.50 0.65 14.81
C ASN A 189 3.26 1.35 13.68
N ALA A 190 2.57 1.63 12.58
CA ALA A 190 3.21 2.20 11.40
C ALA A 190 3.56 3.67 11.62
N MET A 191 2.90 4.30 12.58
CA MET A 191 3.14 5.71 12.85
C MET A 191 4.39 5.96 13.68
N ALA A 192 5.00 4.90 14.20
CA ALA A 192 6.22 5.04 14.99
C ALA A 192 7.29 5.80 14.18
N PRO A 193 8.16 6.55 14.88
CA PRO A 193 8.36 6.65 16.33
C PRO A 193 7.36 7.57 17.05
N ALA A 194 6.35 8.05 16.33
CA ALA A 194 5.35 8.92 16.94
C ALA A 194 4.57 8.22 18.05
N ASP A 195 4.11 9.01 19.01
CA ASP A 195 3.23 8.51 20.05
C ASP A 195 1.82 9.02 19.83
N VAL A 196 0.91 8.10 19.54
CA VAL A 196 -0.48 8.42 19.27
C VAL A 196 -1.29 8.56 20.57
N ALA A 197 -2.08 9.62 20.68
CA ALA A 197 -2.95 9.80 21.83
C ALA A 197 -4.24 9.01 21.65
N SER A 198 -4.85 9.15 20.48
CA SER A 198 -6.07 8.41 20.16
C SER A 198 -6.34 8.41 18.67
N ILE A 199 -7.11 7.43 18.22
CA ILE A 199 -7.47 7.31 16.82
C ILE A 199 -8.97 7.14 16.65
N VAL A 200 -9.54 7.90 15.72
CA VAL A 200 -10.91 7.67 15.31
C VAL A 200 -10.94 7.07 13.91
N VAL A 201 -11.58 5.91 13.79
CA VAL A 201 -11.61 5.18 12.52
C VAL A 201 -12.91 5.42 11.78
N ASP A 202 -12.85 6.11 10.65
CA ASP A 202 -14.02 6.24 9.79
C ASP A 202 -14.06 5.04 8.84
N GLU A 203 -14.82 4.03 9.21
CA GLU A 203 -14.82 2.76 8.49
C GLU A 203 -15.46 2.88 7.11
N ASP A 204 -16.46 3.74 6.98
CA ASP A 204 -17.13 3.93 5.70
C ASP A 204 -16.24 4.65 4.69
N LYS A 205 -15.55 5.69 5.15
CA LYS A 205 -14.67 6.47 4.29
C LYS A 205 -13.29 5.82 4.13
N HIS A 206 -13.02 4.83 4.97
CA HIS A 206 -11.70 4.20 5.04
C HIS A 206 -10.62 5.24 5.32
N THR A 207 -10.90 6.13 6.26
CA THR A 207 -9.93 7.10 6.73
C THR A 207 -9.77 7.02 8.24
N MET A 208 -8.66 7.54 8.75
CA MET A 208 -8.44 7.62 10.20
C MET A 208 -8.02 9.01 10.61
N ASP A 209 -8.57 9.48 11.71
CA ASP A 209 -8.10 10.71 12.34
C ASP A 209 -7.19 10.33 13.49
N ILE A 210 -6.00 10.92 13.51
CA ILE A 210 -5.00 10.55 14.49
C ILE A 210 -4.59 11.75 15.34
N ALA A 211 -4.91 11.68 16.63
CA ALA A 211 -4.47 12.69 17.59
C ALA A 211 -3.12 12.30 18.15
N VAL A 212 -2.17 13.21 18.07
CA VAL A 212 -0.81 12.92 18.52
C VAL A 212 -0.46 13.75 19.76
N GLU A 213 0.14 13.10 20.75
CA GLU A 213 0.57 13.76 21.98
C GLU A 213 1.47 14.96 21.67
N ALA A 214 1.44 15.95 22.55
CA ALA A 214 2.24 17.16 22.36
C ALA A 214 3.72 16.83 22.27
N GLY A 215 4.45 17.60 21.48
CA GLY A 215 5.87 17.35 21.25
C GLY A 215 6.14 16.22 20.26
N ASN A 216 5.12 15.39 20.00
CA ASN A 216 5.28 14.26 19.09
C ASN A 216 4.76 14.53 17.68
N LEU A 217 4.44 15.78 17.38
CA LEU A 217 3.80 16.13 16.13
C LEU A 217 4.76 16.11 14.93
N ALA A 218 5.92 16.74 15.08
CA ALA A 218 6.89 16.81 13.99
C ALA A 218 7.37 15.41 13.60
N GLN A 219 7.42 14.52 14.58
CA GLN A 219 7.82 13.13 14.36
C GLN A 219 6.72 12.37 13.63
N ALA A 220 5.48 12.58 14.07
CA ALA A 220 4.34 11.90 13.50
C ALA A 220 4.20 12.20 12.03
N ILE A 221 4.35 13.48 11.69
CA ILE A 221 4.26 13.93 10.32
C ILE A 221 5.48 13.49 9.53
N GLY A 222 6.66 13.72 10.10
CA GLY A 222 7.90 13.50 9.41
C GLY A 222 8.24 14.71 8.54
N ARG A 223 9.50 14.86 8.19
CA ARG A 223 9.90 15.93 7.29
C ARG A 223 9.18 15.76 5.96
N ASN A 224 8.61 16.86 5.46
CA ASN A 224 7.85 16.88 4.22
C ASN A 224 6.63 15.97 4.21
N GLY A 225 6.14 15.63 5.41
CA GLY A 225 5.00 14.72 5.55
C GLY A 225 5.34 13.26 5.30
N GLN A 226 6.64 12.94 5.30
CA GLN A 226 7.14 11.64 4.87
C GLN A 226 6.62 10.45 5.69
N ASN A 227 6.51 10.64 7.01
CA ASN A 227 6.16 9.54 7.89
C ASN A 227 4.70 9.13 7.82
N VAL A 228 3.80 10.11 7.84
CA VAL A 228 2.38 9.81 7.75
C VAL A 228 2.04 9.30 6.34
N ARG A 229 2.76 9.77 5.33
CA ARG A 229 2.60 9.29 3.96
CA ARG A 229 2.58 9.28 3.98
C ARG A 229 2.95 7.80 3.88
N LEU A 230 4.13 7.46 4.38
CA LEU A 230 4.57 6.06 4.40
C LEU A 230 3.63 5.18 5.21
N ALA A 231 3.08 5.73 6.28
CA ALA A 231 2.15 4.96 7.11
C ALA A 231 0.84 4.76 6.38
N SER A 232 0.44 5.77 5.62
CA SER A 232 -0.74 5.68 4.77
C SER A 232 -0.55 4.60 3.72
N GLN A 233 0.62 4.58 3.09
CA GLN A 233 0.90 3.63 2.03
C GLN A 233 1.00 2.21 2.59
N LEU A 234 1.59 2.07 3.77
CA LEU A 234 1.79 0.76 4.38
C LEU A 234 0.46 0.13 4.78
N SER A 235 -0.42 0.93 5.33
CA SER A 235 -1.68 0.42 5.86
C SER A 235 -2.79 0.40 4.82
N GLY A 236 -2.72 1.33 3.87
CA GLY A 236 -3.73 1.45 2.85
C GLY A 236 -4.88 2.33 3.31
N TRP A 237 -4.70 2.97 4.46
CA TRP A 237 -5.70 3.91 4.98
C TRP A 237 -5.27 5.35 4.74
N GLU A 238 -6.26 6.22 4.48
CA GLU A 238 -6.02 7.65 4.48
C GLU A 238 -5.88 8.12 5.93
N LEU A 239 -4.84 8.90 6.21
CA LEU A 239 -4.55 9.30 7.58
C LEU A 239 -4.52 10.82 7.75
N ASN A 240 -5.29 11.32 8.71
CA ASN A 240 -5.26 12.75 9.04
C ASN A 240 -4.69 12.96 10.44
N VAL A 241 -3.54 13.62 10.51
CA VAL A 241 -2.86 13.87 11.78
C VAL A 241 -3.22 15.24 12.31
N MET A 242 -3.46 15.33 13.62
CA MET A 242 -3.78 16.61 14.27
C MET A 242 -3.51 16.52 15.77
N THR A 243 -3.72 17.61 16.49
CA THR A 243 -3.53 17.60 17.95
C THR A 243 -4.73 16.99 18.64
N VAL A 244 -4.57 16.69 19.93
CA VAL A 244 -5.67 16.19 20.75
C VAL A 244 -6.83 17.19 20.74
N ASP A 245 -6.52 18.47 20.89
CA ASP A 245 -7.52 19.53 20.90
C ASP A 245 -8.27 19.61 19.58
N ASP A 246 -7.53 19.46 18.48
CA ASP A 246 -8.12 19.52 17.15
C ASP A 246 -9.13 18.39 16.95
N LEU A 247 -8.79 17.20 17.45
CA LEU A 247 -9.64 16.03 17.29
C LEU A 247 -10.97 16.19 18.03
N GLN A 248 -10.89 16.66 19.27
CA GLN A 248 -12.10 16.94 20.04
C GLN A 248 -12.97 17.96 19.34
N ALA A 249 -12.35 19.05 18.90
CA ALA A 249 -13.06 20.11 18.21
C ALA A 249 -13.70 19.61 16.93
N LYS A 250 -13.01 18.72 16.22
CA LYS A 250 -13.53 18.17 14.97
C LYS A 250 -14.74 17.27 15.24
N HIS A 251 -14.72 16.60 16.40
CA HIS A 251 -15.81 15.72 16.80
C HIS A 251 -17.11 16.45 17.01
N GLN A 252 -17.03 17.58 17.72
CA GLN A 252 -18.21 18.42 17.94
C GLN A 252 -18.77 18.89 16.60
N ALA A 253 -17.88 19.26 15.69
CA ALA A 253 -18.30 19.76 14.38
C ALA A 253 -19.01 18.68 13.58
N GLU A 254 -18.57 17.44 13.75
CA GLU A 254 -19.19 16.31 13.06
C GLU A 254 -20.52 15.95 13.69
N ALA A 255 -20.61 16.08 15.01
CA ALA A 255 -21.85 15.77 15.73
C ALA A 255 -22.96 16.74 15.32
N HIS A 256 -22.61 18.02 15.18
CA HIS A 256 -23.55 19.03 14.72
C HIS A 256 -23.94 18.84 13.24
N ALA A 257 -22.94 18.55 12.41
CA ALA A 257 -23.17 18.34 10.98
C ALA A 257 -24.17 17.22 10.72
N ALA A 258 -24.12 16.18 11.57
CA ALA A 258 -25.05 15.06 11.44
C ALA A 258 -26.48 15.51 11.71
N ILE A 259 -26.68 16.22 12.83
CA ILE A 259 -27.98 16.75 13.17
C ILE A 259 -28.50 17.69 12.09
N ASP A 260 -27.65 18.62 11.68
CA ASP A 260 -28.03 19.62 10.69
C ASP A 260 -28.38 18.98 9.35
N THR A 261 -27.63 17.96 8.95
CA THR A 261 -27.94 17.21 7.74
C THR A 261 -29.34 16.62 7.84
N PHE A 262 -29.66 16.11 9.02
CA PHE A 262 -30.98 15.53 9.28
C PHE A 262 -32.09 16.57 9.24
N THR A 263 -31.89 17.71 9.90
N THR A 263 -31.88 17.69 9.92
CA THR A 263 -32.91 18.75 9.94
CA THR A 263 -32.87 18.76 9.95
C THR A 263 -33.16 19.34 8.56
C THR A 263 -33.15 19.30 8.55
N LYS A 264 -32.09 19.53 7.79
CA LYS A 264 -32.20 20.12 6.46
C LYS A 264 -32.87 19.18 5.45
N TYR A 265 -32.32 17.99 5.26
CA TYR A 265 -32.76 17.10 4.18
C TYR A 265 -33.95 16.20 4.52
N LEU A 266 -34.33 16.15 5.80
CA LEU A 266 -35.49 15.36 6.20
C LEU A 266 -36.65 16.26 6.62
N ASP A 267 -36.35 17.55 6.77
CA ASP A 267 -37.34 18.55 7.14
C ASP A 267 -37.98 18.23 8.48
N ILE A 268 -37.14 18.02 9.50
CA ILE A 268 -37.61 17.78 10.86
C ILE A 268 -36.99 18.79 11.81
N ASP A 269 -37.52 18.88 13.03
CA ASP A 269 -36.95 19.80 14.02
C ASP A 269 -35.73 19.16 14.70
N GLU A 270 -34.99 19.98 15.43
CA GLU A 270 -33.72 19.59 16.00
C GLU A 270 -33.84 18.47 17.04
N ASP A 271 -34.92 18.50 17.82
CA ASP A 271 -35.13 17.49 18.86
C ASP A 271 -35.34 16.12 18.25
N PHE A 272 -36.02 16.09 17.10
CA PHE A 272 -36.25 14.85 16.36
C PHE A 272 -34.93 14.29 15.84
N ALA A 273 -34.14 15.15 15.20
CA ALA A 273 -32.85 14.76 14.66
C ALA A 273 -31.96 14.18 15.75
N THR A 274 -31.95 14.85 16.90
CA THR A 274 -31.15 14.43 18.05
C THR A 274 -31.48 13.00 18.49
N VAL A 275 -32.77 12.73 18.64
CA VAL A 275 -33.24 11.41 19.06
C VAL A 275 -32.75 10.33 18.10
N LEU A 276 -32.80 10.63 16.81
CA LEU A 276 -32.32 9.70 15.79
C LEU A 276 -30.86 9.35 16.03
N VAL A 277 -30.02 10.36 16.17
CA VAL A 277 -28.59 10.16 16.40
C VAL A 277 -28.35 9.44 17.72
N GLU A 278 -29.07 9.87 18.77
CA GLU A 278 -28.98 9.24 20.09
C GLU A 278 -29.18 7.74 20.02
N GLU A 279 -30.15 7.31 19.20
CA GLU A 279 -30.46 5.90 19.04
C GLU A 279 -29.47 5.21 18.10
N GLY A 280 -28.44 5.94 17.69
CA GLY A 280 -27.37 5.36 16.88
C GLY A 280 -27.56 5.54 15.39
N PHE A 281 -28.50 6.38 15.00
CA PHE A 281 -28.74 6.67 13.59
C PHE A 281 -28.10 7.99 13.21
N SER A 282 -26.92 7.90 12.59
CA SER A 282 -26.07 9.08 12.39
C SER A 282 -25.91 9.51 10.93
N THR A 283 -26.29 8.65 10.00
CA THR A 283 -26.15 8.96 8.58
C THR A 283 -27.46 8.77 7.81
N LEU A 284 -27.56 9.43 6.66
CA LEU A 284 -28.72 9.31 5.80
C LEU A 284 -28.84 7.91 5.21
N GLU A 285 -27.70 7.28 4.97
CA GLU A 285 -27.68 5.91 4.44
C GLU A 285 -28.31 4.93 5.42
N GLU A 286 -27.95 5.05 6.70
CA GLU A 286 -28.47 4.15 7.72
C GLU A 286 -29.98 4.27 7.86
N LEU A 287 -30.50 5.48 7.89
CA LEU A 287 -31.94 5.70 7.99
C LEU A 287 -32.69 5.12 6.79
N ALA A 288 -32.07 5.17 5.63
CA ALA A 288 -32.72 4.74 4.39
C ALA A 288 -32.91 3.23 4.33
N TYR A 289 -31.93 2.48 4.80
CA TYR A 289 -31.93 1.04 4.55
C TYR A 289 -31.87 0.18 5.82
N VAL A 290 -31.99 0.82 6.98
CA VAL A 290 -32.07 0.07 8.23
C VAL A 290 -33.31 -0.80 8.18
N PRO A 291 -33.25 -2.00 8.78
CA PRO A 291 -34.51 -2.72 8.97
C PRO A 291 -35.50 -1.84 9.74
N MET A 292 -36.70 -1.68 9.19
CA MET A 292 -37.72 -0.81 9.78
C MET A 292 -38.07 -1.23 11.21
N LYS A 293 -37.63 -2.42 11.58
CA LYS A 293 -37.85 -2.97 12.91
C LYS A 293 -36.93 -2.31 13.94
N GLU A 294 -35.73 -1.93 13.51
CA GLU A 294 -34.77 -1.28 14.40
C GLU A 294 -35.22 0.11 14.79
N LEU A 295 -35.97 0.77 13.90
CA LEU A 295 -36.43 2.12 14.13
C LEU A 295 -37.67 2.13 15.02
N LEU A 296 -38.20 0.94 15.31
CA LEU A 296 -39.39 0.82 16.14
C LEU A 296 -39.04 0.75 17.63
N GLU A 297 -37.74 0.71 17.93
CA GLU A 297 -37.28 0.70 19.30
C GLU A 297 -37.37 2.09 19.92
N ILE A 298 -37.60 3.09 19.07
CA ILE A 298 -37.75 4.47 19.52
C ILE A 298 -39.20 4.73 19.92
N GLU A 299 -39.42 4.98 21.21
CA GLU A 299 -40.77 5.24 21.70
C GLU A 299 -41.24 6.63 21.24
N GLY A 300 -42.33 6.66 20.48
CA GLY A 300 -42.86 7.90 19.96
C GLY A 300 -43.00 7.88 18.46
N LEU A 301 -42.44 6.84 17.83
CA LEU A 301 -42.49 6.71 16.38
C LEU A 301 -43.32 5.52 15.94
N ASP A 302 -44.41 5.78 15.22
CA ASP A 302 -45.26 4.72 14.70
C ASP A 302 -44.78 4.25 13.33
N GLU A 303 -45.36 3.16 12.84
CA GLU A 303 -45.01 2.60 11.54
C GLU A 303 -45.19 3.56 10.35
N PRO A 304 -46.26 4.40 10.35
CA PRO A 304 -46.33 5.36 9.25
C PRO A 304 -45.16 6.36 9.20
N THR A 305 -44.76 6.87 10.36
CA THR A 305 -43.70 7.87 10.42
C THR A 305 -42.36 7.29 9.98
N VAL A 306 -42.05 6.08 10.44
CA VAL A 306 -40.78 5.45 10.08
C VAL A 306 -40.73 5.12 8.59
N GLU A 307 -41.90 4.98 7.97
CA GLU A 307 -41.97 4.79 6.53
C GLU A 307 -41.70 6.09 5.79
N ALA A 308 -42.14 7.20 6.37
CA ALA A 308 -41.97 8.50 5.75
C ALA A 308 -40.53 8.99 5.87
N LEU A 309 -39.90 8.67 7.00
CA LEU A 309 -38.52 9.07 7.25
C LEU A 309 -37.57 8.41 6.26
N ARG A 310 -37.78 7.12 6.04
CA ARG A 310 -36.97 6.36 5.09
C ARG A 310 -37.08 6.96 3.70
N GLU A 311 -38.30 7.28 3.29
CA GLU A 311 -38.54 7.79 1.94
C GLU A 311 -37.93 9.17 1.75
N ARG A 312 -37.90 9.97 2.82
CA ARG A 312 -37.25 11.26 2.76
C ARG A 312 -35.73 11.09 2.71
N ALA A 313 -35.23 10.14 3.49
CA ALA A 313 -33.80 9.85 3.54
C ALA A 313 -33.30 9.33 2.19
N LYS A 314 -34.09 8.47 1.55
CA LYS A 314 -33.74 7.93 0.25
C LYS A 314 -33.71 9.02 -0.81
N ASN A 315 -34.63 9.97 -0.70
CA ASN A 315 -34.68 11.11 -1.62
C ASN A 315 -33.47 12.02 -1.44
N ALA A 316 -33.08 12.26 -0.19
CA ALA A 316 -31.89 13.05 0.10
C ALA A 316 -30.65 12.39 -0.50
N LEU A 317 -30.55 11.07 -0.35
CA LEU A 317 -29.44 10.30 -0.91
C LEU A 317 -29.31 10.48 -2.43
N ALA A 318 -30.46 10.51 -3.11
CA ALA A 318 -30.47 10.68 -4.55
C ALA A 318 -30.16 12.13 -4.93
N THR A 319 -30.66 13.06 -4.12
CA THR A 319 -30.43 14.49 -4.34
C THR A 319 -28.95 14.83 -4.25
N ILE A 320 -28.34 14.46 -3.13
CA ILE A 320 -26.93 14.75 -2.87
C ILE A 320 -26.01 14.13 -3.92
N ALA A 321 -26.27 12.87 -4.26
CA ALA A 321 -25.41 12.12 -5.18
C ALA A 321 -25.33 12.75 -6.57
N GLN A 322 -26.41 13.41 -6.99
CA GLN A 322 -26.46 14.03 -8.32
C GLN A 322 -26.03 15.49 -8.29
N ALA A 323 -25.84 16.01 -7.09
CA ALA A 323 -25.47 17.42 -6.91
C ALA A 323 -23.98 17.64 -7.12
#